data_2HHP
#
_entry.id   2HHP
#
_cell.length_a   58.483
_cell.length_b   84.918
_cell.length_c   67.721
_cell.angle_alpha   90.00
_cell.angle_beta   111.78
_cell.angle_gamma   90.00
#
_symmetry.space_group_name_H-M   'P 1 21 1'
#
loop_
_entity.id
_entity.type
_entity.pdbx_description
1 polymer 'Poly(A) polymerase'
2 non-polymer 'CITRATE ANION'
3 non-polymer 'MAGNESIUM ION'
4 water water
#
_entity_poly.entity_id   1
_entity_poly.type   'polypeptide(L)'
_entity_poly.pdbx_seq_one_letter_code
;MSSQKVFGITGPVSTVGATAAENKLNDSLIQELKKEGSFETEQETANRVQVLKILQELAQRFVYEVSKKKNMSDGMARDA
GGKIFTYGSYRLGVHGPGSDIDTLVVVPKHVTREDFFTVFDSLLRERKELDEIAPVPDAFVPIIKIKFSGISIDLICARL
DQPQVPLSLTLSDKNLLRNLDEKDLRALNGTRVTDEILELVPKPNVFRIALRAIKLWAQRRAVYANIFGFPGGVAWAMLV
ARICQLYPNACSAVILNRFFIILSEWNWPQPVILKPIEDGPLQVRVWNPKIYAQDRSHRMPVITPAYPSMCATHNITEST
KKVILQEFVRGVQITNDIFSNKKSWANLFEKNDFFFRYKFYLEITAYTRGSDEQHLKWSGLVESKVRLLVMKLEVLAGIK
IAHPFTKPFESSYCCPTEDDYEMIQDKYGSHKTETALNALKLVTDENKEEESIKDAPKAYLSTMYIGLDFNIENKKEKVD
IHIPCTEFVNLCRSFNEDYGDHKVFNLALRFVKGYDLPDEVFDENEKRPS
;
_entity_poly.pdbx_strand_id   A
#
loop_
_chem_comp.id
_chem_comp.type
_chem_comp.name
_chem_comp.formula
FLC non-polymer 'CITRATE ANION' 'C6 H5 O7 -3'
MG non-polymer 'MAGNESIUM ION' 'Mg 2'
#
# COMPACT_ATOMS: atom_id res chain seq x y z
N GLN A 4 -24.67 8.41 17.47
CA GLN A 4 -23.83 7.18 17.38
C GLN A 4 -22.69 7.43 16.38
N LYS A 5 -21.45 7.22 16.84
CA LYS A 5 -20.26 7.53 16.03
C LYS A 5 -20.30 6.72 14.75
N VAL A 6 -21.07 5.64 14.82
CA VAL A 6 -21.22 4.63 13.78
C VAL A 6 -21.97 5.24 12.60
N PHE A 7 -22.64 6.36 12.83
CA PHE A 7 -23.38 7.04 11.71
C PHE A 7 -22.61 8.23 11.15
N GLY A 8 -21.41 8.37 11.73
CA GLY A 8 -20.42 9.39 11.40
C GLY A 8 -20.66 10.83 11.92
N ILE A 9 -20.05 11.80 11.25
CA ILE A 9 -20.16 13.22 11.66
C ILE A 9 -21.35 13.96 11.06
N THR A 10 -21.99 13.36 10.06
CA THR A 10 -23.19 14.03 9.48
C THR A 10 -24.53 13.33 9.70
N GLY A 11 -24.61 12.21 10.42
CA GLY A 11 -25.93 11.52 10.50
C GLY A 11 -26.19 10.67 9.23
N PRO A 12 -27.10 9.69 9.24
CA PRO A 12 -27.29 8.85 8.06
C PRO A 12 -28.06 9.57 6.94
N VAL A 13 -27.77 9.20 5.69
CA VAL A 13 -28.58 9.65 4.57
C VAL A 13 -29.91 8.88 4.55
N SER A 14 -29.84 7.58 4.79
CA SER A 14 -31.04 6.72 4.83
C SER A 14 -30.85 5.59 5.80
N THR A 15 -31.86 5.30 6.64
CA THR A 15 -31.81 4.08 7.45
C THR A 15 -32.64 2.94 6.87
N VAL A 16 -33.16 3.13 5.65
CA VAL A 16 -33.91 2.08 4.96
C VAL A 16 -33.11 0.80 4.80
N GLY A 17 -33.72 -0.34 5.10
CA GLY A 17 -33.02 -1.61 4.90
C GLY A 17 -32.99 -2.09 3.45
N ALA A 18 -32.13 -3.09 3.18
CA ALA A 18 -32.09 -3.67 1.83
C ALA A 18 -33.42 -4.35 1.46
N THR A 19 -33.82 -4.19 0.21
CA THR A 19 -34.92 -4.96 -0.38
C THR A 19 -34.41 -6.31 -0.88
N ALA A 20 -35.38 -7.17 -1.22
CA ALA A 20 -35.03 -8.47 -1.77
C ALA A 20 -34.23 -8.33 -3.08
N ALA A 21 -34.62 -7.37 -3.93
CA ALA A 21 -33.91 -7.17 -5.21
C ALA A 21 -32.46 -6.74 -4.95
N GLU A 22 -32.29 -5.84 -3.98
CA GLU A 22 -30.94 -5.38 -3.61
C GLU A 22 -30.10 -6.54 -3.05
N ASN A 23 -30.71 -7.39 -2.21
CA ASN A 23 -29.97 -8.52 -1.66
C ASN A 23 -29.55 -9.49 -2.75
N LYS A 24 -30.37 -9.59 -3.80
CA LYS A 24 -30.05 -10.43 -4.96
C LYS A 24 -28.81 -9.89 -5.68
N LEU A 25 -28.76 -8.57 -5.88
CA LEU A 25 -27.58 -7.91 -6.46
C LEU A 25 -26.35 -8.15 -5.56
N ASN A 26 -26.58 -8.13 -4.26
CA ASN A 26 -25.53 -8.38 -3.28
C ASN A 26 -25.03 -9.83 -3.36
N ASP A 27 -25.94 -10.79 -3.48
CA ASP A 27 -25.50 -12.17 -3.72
C ASP A 27 -24.68 -12.30 -4.98
N SER A 28 -25.11 -11.67 -6.08
CA SER A 28 -24.33 -11.63 -7.34
C SER A 28 -22.94 -11.04 -7.13
N LEU A 29 -22.89 -9.97 -6.34
CA LEU A 29 -21.61 -9.30 -6.05
C LEU A 29 -20.69 -10.29 -5.33
N ILE A 30 -21.19 -10.93 -4.26
CA ILE A 30 -20.35 -11.89 -3.51
C ILE A 30 -19.87 -13.05 -4.41
N GLN A 31 -20.78 -13.60 -5.22
CA GLN A 31 -20.40 -14.68 -6.14
CA GLN A 31 -20.47 -14.66 -6.22
C GLN A 31 -19.30 -14.24 -7.13
N GLU A 32 -19.39 -13.03 -7.67
CA GLU A 32 -18.31 -12.49 -8.49
C GLU A 32 -16.98 -12.32 -7.72
N LEU A 33 -17.03 -11.80 -6.49
CA LEU A 33 -15.83 -11.77 -5.64
C LEU A 33 -15.21 -13.15 -5.46
N LYS A 34 -16.05 -14.13 -5.18
CA LYS A 34 -15.56 -15.54 -5.04
C LYS A 34 -14.94 -16.01 -6.35
N LYS A 35 -15.67 -15.84 -7.45
CA LYS A 35 -15.14 -16.22 -8.78
C LYS A 35 -13.75 -15.60 -9.06
N GLU A 36 -13.54 -14.34 -8.65
CA GLU A 36 -12.30 -13.61 -8.96
C GLU A 36 -11.23 -13.78 -7.86
N GLY A 37 -11.46 -14.72 -6.93
CA GLY A 37 -10.44 -15.17 -5.97
C GLY A 37 -10.26 -14.29 -4.74
N SER A 38 -11.30 -13.56 -4.34
CA SER A 38 -11.17 -12.59 -3.24
C SER A 38 -10.93 -13.30 -1.91
N PHE A 39 -11.50 -14.49 -1.78
CA PHE A 39 -11.51 -15.18 -0.48
C PHE A 39 -10.54 -16.35 -0.49
N GLU A 40 -9.80 -16.52 0.60
CA GLU A 40 -8.95 -17.74 0.74
C GLU A 40 -9.74 -18.90 1.29
N THR A 41 -9.14 -20.09 1.29
CA THR A 41 -9.84 -21.27 1.84
C THR A 41 -9.88 -21.25 3.38
N GLU A 42 -10.80 -22.02 3.97
CA GLU A 42 -10.82 -22.18 5.41
C GLU A 42 -9.48 -22.69 5.89
N GLN A 43 -8.85 -23.59 5.13
CA GLN A 43 -7.50 -24.11 5.49
C GLN A 43 -6.45 -23.02 5.50
N GLU A 44 -6.47 -22.13 4.51
CA GLU A 44 -5.51 -21.03 4.51
CA GLU A 44 -5.52 -21.03 4.48
C GLU A 44 -5.71 -20.10 5.70
N THR A 45 -6.96 -19.84 6.09
CA THR A 45 -7.18 -19.03 7.29
C THR A 45 -6.63 -19.75 8.57
N ALA A 46 -6.90 -21.05 8.69
CA ALA A 46 -6.34 -21.84 9.83
C ALA A 46 -4.84 -21.69 9.91
N ASN A 47 -4.19 -21.71 8.73
CA ASN A 47 -2.75 -21.73 8.62
C ASN A 47 -2.21 -20.40 9.16
N ARG A 48 -2.91 -19.30 8.82
CA ARG A 48 -2.55 -17.94 9.31
C ARG A 48 -2.71 -17.87 10.83
N VAL A 49 -3.81 -18.43 11.34
CA VAL A 49 -4.07 -18.39 12.80
C VAL A 49 -2.95 -19.12 13.53
N GLN A 50 -2.54 -20.26 12.98
CA GLN A 50 -1.39 -21.04 13.55
C GLN A 50 -0.07 -20.26 13.54
N VAL A 51 0.31 -19.66 12.40
CA VAL A 51 1.52 -18.88 12.41
C VAL A 51 1.42 -17.73 13.47
N LEU A 52 0.24 -17.14 13.66
CA LEU A 52 0.15 -16.05 14.62
C LEU A 52 0.34 -16.56 16.07
N LYS A 53 -0.13 -17.77 16.36
CA LYS A 53 0.10 -18.34 17.69
C LYS A 53 1.64 -18.43 17.88
N ILE A 54 2.33 -18.89 16.84
CA ILE A 54 3.78 -19.08 16.93
C ILE A 54 4.47 -17.70 17.12
N LEU A 55 4.02 -16.71 16.38
CA LEU A 55 4.57 -15.36 16.51
C LEU A 55 4.41 -14.75 17.91
N GLN A 56 3.25 -15.00 18.53
CA GLN A 56 3.04 -14.56 19.90
C GLN A 56 4.02 -15.29 20.84
N GLU A 57 4.13 -16.60 20.66
CA GLU A 57 5.11 -17.36 21.47
C GLU A 57 6.54 -16.77 21.31
N LEU A 58 6.94 -16.46 20.09
CA LEU A 58 8.25 -15.93 19.85
C LEU A 58 8.40 -14.49 20.39
N ALA A 59 7.33 -13.70 20.31
CA ALA A 59 7.38 -12.31 20.83
C ALA A 59 7.65 -12.31 22.36
N GLN A 60 6.98 -13.20 23.07
CA GLN A 60 7.20 -13.43 24.52
CA GLN A 60 7.21 -13.40 24.52
C GLN A 60 8.64 -13.89 24.77
N ARG A 61 9.08 -14.89 24.03
CA ARG A 61 10.44 -15.44 24.17
C ARG A 61 11.49 -14.34 23.95
N PHE A 62 11.25 -13.51 22.94
CA PHE A 62 12.11 -12.38 22.58
C PHE A 62 12.20 -11.41 23.78
N VAL A 63 11.08 -10.91 24.28
CA VAL A 63 11.09 -9.97 25.39
C VAL A 63 11.74 -10.65 26.62
N TYR A 64 11.45 -11.93 26.81
CA TYR A 64 11.99 -12.65 27.98
C TYR A 64 13.53 -12.68 27.91
N GLU A 65 14.04 -13.05 26.74
CA GLU A 65 15.50 -13.20 26.53
C GLU A 65 16.22 -11.88 26.70
N VAL A 66 15.65 -10.82 26.13
CA VAL A 66 16.24 -9.47 26.25
C VAL A 66 16.25 -9.04 27.72
N SER A 67 15.14 -9.33 28.42
CA SER A 67 15.00 -9.00 29.83
C SER A 67 16.07 -9.71 30.66
N LYS A 68 16.26 -11.00 30.41
CA LYS A 68 17.30 -11.76 31.10
C LYS A 68 18.73 -11.24 30.81
N LYS A 69 18.98 -10.81 29.57
CA LYS A 69 20.25 -10.19 29.18
C LYS A 69 20.53 -8.86 29.90
N LYS A 70 19.46 -8.21 30.36
CA LYS A 70 19.59 -6.97 31.13
CA LYS A 70 19.57 -6.96 31.15
C LYS A 70 19.40 -7.28 32.63
C LYS A 70 19.61 -7.23 32.65
N ASN A 71 19.78 -8.50 33.00
CA ASN A 71 19.89 -8.95 34.39
C ASN A 71 18.64 -8.99 35.23
N MET A 72 17.49 -9.02 34.58
CA MET A 72 16.22 -9.12 35.31
C MET A 72 16.03 -10.53 35.82
N SER A 73 15.29 -10.66 36.91
CA SER A 73 14.94 -11.97 37.48
C SER A 73 14.02 -12.68 36.48
N ASP A 74 13.94 -14.01 36.55
CA ASP A 74 12.92 -14.75 35.74
C ASP A 74 11.54 -14.15 35.81
N GLY A 75 11.08 -13.86 37.04
CA GLY A 75 9.74 -13.30 37.22
C GLY A 75 9.54 -11.98 36.52
N MET A 76 10.49 -11.08 36.66
CA MET A 76 10.34 -9.79 36.02
C MET A 76 10.45 -9.96 34.51
N ALA A 77 11.26 -10.92 34.08
CA ALA A 77 11.44 -11.16 32.61
C ALA A 77 10.12 -11.73 32.05
N ARG A 78 9.45 -12.62 32.80
CA ARG A 78 8.10 -13.09 32.42
CA ARG A 78 8.13 -13.10 32.37
C ARG A 78 7.11 -11.95 32.39
N ASP A 79 7.12 -11.18 33.49
CA ASP A 79 6.24 -10.03 33.63
C ASP A 79 6.38 -9.02 32.52
N ALA A 80 7.60 -8.83 32.03
CA ALA A 80 7.85 -7.96 30.88
C ALA A 80 6.92 -8.25 29.68
N GLY A 81 6.55 -9.53 29.49
CA GLY A 81 5.45 -9.90 28.58
C GLY A 81 5.86 -9.84 27.13
N GLY A 82 5.13 -9.09 26.32
CA GLY A 82 5.43 -9.00 24.87
C GLY A 82 4.15 -9.48 24.16
N LYS A 83 3.70 -8.75 23.14
CA LYS A 83 2.38 -9.11 22.54
C LYS A 83 2.36 -8.69 21.07
N ILE A 84 1.77 -9.55 20.25
CA ILE A 84 1.56 -9.37 18.80
CA ILE A 84 1.59 -9.21 18.85
C ILE A 84 0.16 -8.75 18.56
N PHE A 85 0.07 -7.86 17.57
CA PHE A 85 -1.22 -7.37 17.06
C PHE A 85 -1.14 -7.44 15.55
N THR A 86 -2.28 -7.59 14.90
CA THR A 86 -2.32 -7.44 13.46
C THR A 86 -3.07 -6.17 13.08
N TYR A 87 -2.77 -5.66 11.90
CA TYR A 87 -3.48 -4.49 11.37
C TYR A 87 -3.68 -4.64 9.86
N GLY A 88 -4.28 -3.62 9.26
CA GLY A 88 -4.41 -3.60 7.82
C GLY A 88 -5.35 -4.68 7.36
N SER A 89 -5.16 -5.22 6.15
CA SER A 89 -6.21 -6.04 5.53
CA SER A 89 -6.19 -6.06 5.51
C SER A 89 -6.58 -7.31 6.30
N TYR A 90 -5.60 -8.04 6.83
CA TYR A 90 -5.90 -9.21 7.65
C TYR A 90 -6.76 -8.91 8.89
N ARG A 91 -6.36 -7.92 9.66
CA ARG A 91 -7.13 -7.52 10.82
C ARG A 91 -8.54 -7.06 10.44
N LEU A 92 -8.68 -6.37 9.30
CA LEU A 92 -10.04 -5.97 8.81
C LEU A 92 -10.87 -7.12 8.27
N GLY A 93 -10.24 -8.27 8.01
CA GLY A 93 -10.92 -9.40 7.38
C GLY A 93 -11.22 -9.28 5.90
N VAL A 94 -10.43 -8.46 5.21
CA VAL A 94 -10.62 -8.26 3.76
C VAL A 94 -9.41 -8.78 2.95
N HIS A 95 -8.60 -9.59 3.62
CA HIS A 95 -7.40 -10.17 2.95
C HIS A 95 -7.77 -11.27 1.97
N GLY A 96 -6.82 -11.59 1.07
CA GLY A 96 -7.08 -12.62 0.07
C GLY A 96 -6.01 -13.70 0.14
N PRO A 97 -6.12 -14.70 -0.73
CA PRO A 97 -5.13 -15.79 -0.71
C PRO A 97 -3.69 -15.27 -0.74
N GLY A 98 -3.40 -14.27 -1.58
CA GLY A 98 -1.98 -13.80 -1.61
C GLY A 98 -1.46 -12.97 -0.41
N SER A 99 -2.36 -12.53 0.45
CA SER A 99 -2.15 -11.34 1.27
C SER A 99 -1.09 -11.53 2.37
N ASP A 100 -0.29 -10.49 2.59
CA ASP A 100 0.63 -10.44 3.78
C ASP A 100 -0.18 -10.19 5.05
N ILE A 101 0.33 -10.61 6.20
CA ILE A 101 -0.21 -10.20 7.47
C ILE A 101 0.67 -9.13 8.04
N ASP A 102 0.10 -7.92 8.14
CA ASP A 102 0.79 -6.79 8.76
C ASP A 102 0.74 -7.04 10.22
N THR A 103 1.91 -7.15 10.86
CA THR A 103 1.99 -7.65 12.25
C THR A 103 2.90 -6.71 13.04
N LEU A 104 2.41 -6.33 14.21
CA LEU A 104 3.13 -5.39 15.10
C LEU A 104 3.53 -6.14 16.36
N VAL A 105 4.81 -6.00 16.74
CA VAL A 105 5.30 -6.61 17.98
C VAL A 105 5.49 -5.45 18.95
N VAL A 106 4.77 -5.49 20.06
CA VAL A 106 4.81 -4.42 21.07
C VAL A 106 5.61 -4.92 22.27
N VAL A 107 6.60 -4.12 22.67
CA VAL A 107 7.59 -4.56 23.67
C VAL A 107 7.70 -3.46 24.75
N PRO A 108 8.04 -3.85 25.98
CA PRO A 108 8.25 -2.86 27.08
C PRO A 108 9.49 -2.00 26.89
N LYS A 109 9.63 -0.99 27.74
CA LYS A 109 10.59 0.09 27.48
C LYS A 109 12.05 -0.30 27.35
N HIS A 110 12.46 -1.41 27.99
CA HIS A 110 13.85 -1.82 28.00
C HIS A 110 14.26 -2.63 26.76
N VAL A 111 13.31 -2.85 25.84
CA VAL A 111 13.57 -3.65 24.65
C VAL A 111 13.68 -2.71 23.45
N THR A 112 14.86 -2.66 22.86
CA THR A 112 15.19 -1.67 21.87
C THR A 112 14.91 -2.14 20.43
N ARG A 113 14.97 -1.22 19.49
CA ARG A 113 14.81 -1.59 18.11
C ARG A 113 15.99 -2.46 17.71
N GLU A 114 17.16 -2.18 18.28
CA GLU A 114 18.33 -3.00 18.04
C GLU A 114 18.06 -4.45 18.46
N ASP A 115 17.41 -4.64 19.60
CA ASP A 115 17.03 -5.99 20.09
C ASP A 115 16.11 -6.72 19.12
N PHE A 116 15.15 -5.99 18.52
CA PHE A 116 14.22 -6.57 17.56
C PHE A 116 15.02 -7.12 16.35
N PHE A 117 15.93 -6.30 15.84
CA PHE A 117 16.74 -6.76 14.68
C PHE A 117 17.83 -7.79 14.96
N THR A 118 18.07 -8.12 16.24
CA THR A 118 19.05 -9.13 16.60
C THR A 118 18.40 -10.32 17.29
N VAL A 119 17.81 -10.11 18.47
CA VAL A 119 17.27 -11.24 19.23
C VAL A 119 16.04 -11.82 18.53
N PHE A 120 15.06 -10.97 18.18
CA PHE A 120 13.85 -11.51 17.57
C PHE A 120 14.18 -12.08 16.21
N ASP A 121 14.97 -11.35 15.44
CA ASP A 121 15.45 -11.88 14.15
C ASP A 121 16.10 -13.29 14.29
N SER A 122 16.99 -13.50 15.26
CA SER A 122 17.59 -14.82 15.48
C SER A 122 16.58 -15.90 15.86
N LEU A 123 15.60 -15.53 16.70
CA LEU A 123 14.55 -16.49 17.07
C LEU A 123 13.81 -17.01 15.85
N LEU A 124 13.45 -16.12 14.93
CA LEU A 124 12.87 -16.51 13.68
C LEU A 124 13.78 -17.46 12.87
N ARG A 125 15.06 -17.10 12.76
CA ARG A 125 16.04 -17.91 11.95
C ARG A 125 16.28 -19.32 12.52
N GLU A 126 16.07 -19.50 13.83
CA GLU A 126 16.13 -20.84 14.44
C GLU A 126 14.92 -21.74 14.14
N ARG A 127 13.83 -21.16 13.62
CA ARG A 127 12.63 -21.97 13.33
C ARG A 127 12.68 -22.68 11.99
N LYS A 128 12.39 -23.99 11.99
CA LYS A 128 12.30 -24.79 10.76
C LYS A 128 11.24 -24.25 9.80
N GLU A 129 10.21 -23.59 10.32
CA GLU A 129 9.12 -23.10 9.49
C GLU A 129 9.51 -21.82 8.71
N LEU A 130 10.61 -21.17 9.10
CA LEU A 130 10.99 -19.93 8.40
C LEU A 130 11.45 -20.24 6.96
N ASP A 131 10.75 -19.65 5.97
CA ASP A 131 11.12 -19.84 4.56
C ASP A 131 12.06 -18.77 3.98
N GLU A 132 11.80 -17.52 4.34
CA GLU A 132 12.56 -16.37 3.83
C GLU A 132 12.53 -15.31 4.90
N ILE A 133 13.56 -14.47 4.90
CA ILE A 133 13.63 -13.36 5.85
C ILE A 133 14.39 -12.20 5.21
N ALA A 134 13.86 -10.99 5.32
CA ALA A 134 14.51 -9.81 4.73
C ALA A 134 14.33 -8.64 5.70
N PRO A 135 15.30 -8.43 6.58
CA PRO A 135 15.26 -7.28 7.51
C PRO A 135 15.55 -5.95 6.79
N VAL A 136 14.83 -4.89 7.15
CA VAL A 136 15.00 -3.57 6.53
C VAL A 136 14.98 -2.52 7.64
N PRO A 137 16.02 -2.49 8.47
CA PRO A 137 16.06 -1.58 9.62
C PRO A 137 15.94 -0.09 9.26
N ASP A 138 15.94 0.25 7.96
CA ASP A 138 15.85 1.66 7.50
C ASP A 138 14.44 2.15 7.18
N ALA A 139 13.59 1.30 6.61
CA ALA A 139 12.23 1.72 6.22
C ALA A 139 11.56 2.76 7.16
N PHE A 140 10.67 3.56 6.58
N PHE A 140 10.64 3.58 6.66
CA PHE A 140 9.84 4.56 7.28
CA PHE A 140 10.10 4.62 7.53
C PHE A 140 9.40 4.01 8.63
C PHE A 140 9.26 4.06 8.69
N VAL A 141 8.90 2.78 8.59
CA VAL A 141 8.64 1.98 9.77
C VAL A 141 9.66 0.83 9.61
N PRO A 142 10.73 0.78 10.44
CA PRO A 142 11.67 -0.35 10.38
C PRO A 142 10.89 -1.68 10.44
N ILE A 143 11.30 -2.63 9.62
CA ILE A 143 10.50 -3.82 9.32
C ILE A 143 11.35 -5.07 9.10
N ILE A 144 10.79 -6.25 9.42
CA ILE A 144 11.36 -7.53 8.99
C ILE A 144 10.26 -8.23 8.18
N LYS A 145 10.50 -8.45 6.90
CA LYS A 145 9.56 -9.20 6.07
C LYS A 145 9.93 -10.68 6.01
N ILE A 146 9.00 -11.56 6.38
CA ILE A 146 9.31 -13.00 6.33
C ILE A 146 8.24 -13.81 5.57
N LYS A 147 8.59 -15.04 5.22
CA LYS A 147 7.61 -16.06 4.83
CA LYS A 147 7.62 -16.07 4.81
C LYS A 147 7.83 -17.20 5.80
N PHE A 148 6.73 -17.65 6.42
CA PHE A 148 6.87 -18.58 7.56
C PHE A 148 5.72 -19.55 7.38
N SER A 149 6.04 -20.84 7.26
CA SER A 149 5.06 -21.88 6.85
C SER A 149 4.25 -21.43 5.63
N GLY A 150 4.94 -20.79 4.67
CA GLY A 150 4.32 -20.40 3.41
C GLY A 150 3.52 -19.11 3.47
N ILE A 151 3.38 -18.53 4.66
CA ILE A 151 2.60 -17.27 4.81
CA ILE A 151 2.60 -17.27 4.89
C ILE A 151 3.51 -16.06 4.92
N SER A 152 3.18 -15.01 4.17
CA SER A 152 3.92 -13.77 4.21
C SER A 152 3.50 -12.91 5.40
N ILE A 153 4.47 -12.55 6.24
CA ILE A 153 4.25 -11.76 7.44
CA ILE A 153 4.25 -11.78 7.45
C ILE A 153 5.17 -10.55 7.40
N ASP A 154 4.62 -9.36 7.62
CA ASP A 154 5.40 -8.15 7.65
C ASP A 154 5.45 -7.68 9.09
N LEU A 155 6.65 -7.69 9.69
CA LEU A 155 6.76 -7.48 11.13
C LEU A 155 7.40 -6.18 11.51
N ILE A 156 6.68 -5.36 12.27
CA ILE A 156 7.27 -4.12 12.81
C ILE A 156 7.23 -4.15 14.33
N CYS A 157 7.93 -3.21 14.98
CA CYS A 157 8.07 -3.23 16.44
C CYS A 157 7.86 -1.83 17.00
N ALA A 158 7.16 -1.79 18.11
CA ALA A 158 6.92 -0.53 18.85
C ALA A 158 7.27 -0.77 20.32
N ARG A 159 8.03 0.17 20.86
CA ARG A 159 8.47 0.12 22.25
CA ARG A 159 8.51 0.14 22.24
C ARG A 159 7.63 1.06 23.09
N LEU A 160 6.93 0.52 24.08
CA LEU A 160 6.11 1.37 24.96
C LEU A 160 6.94 1.96 26.08
N ASP A 161 6.42 3.04 26.68
CA ASP A 161 7.09 3.63 27.84
C ASP A 161 6.57 3.05 29.16
N GLN A 162 6.46 1.71 29.22
CA GLN A 162 6.04 1.02 30.41
C GLN A 162 6.89 -0.26 30.52
N PRO A 163 7.09 -0.78 31.74
CA PRO A 163 7.95 -1.96 31.92
C PRO A 163 7.30 -3.33 31.60
N GLN A 164 5.97 -3.39 31.39
CA GLN A 164 5.33 -4.66 31.05
C GLN A 164 4.39 -4.50 29.89
N VAL A 165 4.29 -5.55 29.09
CA VAL A 165 3.30 -5.60 28.00
C VAL A 165 2.47 -6.88 28.23
N PRO A 166 1.38 -6.76 29.00
CA PRO A 166 0.57 -7.93 29.32
C PRO A 166 -0.27 -8.36 28.12
N LEU A 167 -0.70 -9.62 28.14
CA LEU A 167 -1.51 -10.18 27.07
C LEU A 167 -2.83 -9.45 26.93
N SER A 168 -3.32 -8.86 28.02
CA SER A 168 -4.55 -8.12 28.00
C SER A 168 -4.46 -6.72 27.32
N LEU A 169 -3.25 -6.26 26.99
CA LEU A 169 -3.03 -4.86 26.51
C LEU A 169 -3.80 -4.51 25.23
N THR A 170 -4.56 -3.42 25.27
CA THR A 170 -5.11 -2.83 24.01
C THR A 170 -4.43 -1.48 23.75
N LEU A 171 -4.42 -1.07 22.49
CA LEU A 171 -3.69 0.15 22.13
C LEU A 171 -4.62 1.36 21.94
N SER A 172 -5.86 1.27 22.39
CA SER A 172 -6.78 2.40 22.10
C SER A 172 -6.55 3.63 22.95
N ASP A 173 -5.89 3.45 24.09
CA ASP A 173 -5.66 4.53 25.04
C ASP A 173 -4.54 5.42 24.54
N LYS A 174 -4.89 6.64 24.16
CA LYS A 174 -3.93 7.55 23.57
C LYS A 174 -2.81 7.98 24.55
N ASN A 175 -2.99 7.74 25.85
CA ASN A 175 -1.88 7.94 26.81
C ASN A 175 -0.65 7.05 26.58
N LEU A 176 -0.86 5.93 25.90
CA LEU A 176 0.24 5.04 25.56
C LEU A 176 1.25 5.73 24.63
N LEU A 177 0.80 6.79 23.98
CA LEU A 177 1.64 7.47 23.00
C LEU A 177 2.65 8.40 23.65
N ARG A 178 2.44 8.69 24.92
CA ARG A 178 3.35 9.56 25.67
C ARG A 178 4.76 8.96 25.74
N ASN A 179 5.72 9.86 25.53
CA ASN A 179 7.13 9.57 25.68
C ASN A 179 7.68 8.65 24.58
N LEU A 180 6.92 8.42 23.49
CA LEU A 180 7.41 7.56 22.40
C LEU A 180 8.11 8.36 21.34
N ASP A 181 9.18 7.80 20.79
CA ASP A 181 9.82 8.44 19.65
C ASP A 181 8.98 8.36 18.37
N GLU A 182 9.38 9.11 17.34
CA GLU A 182 8.59 9.21 16.11
C GLU A 182 8.29 7.83 15.48
N LYS A 183 9.33 6.98 15.40
CA LYS A 183 9.16 5.65 14.83
C LYS A 183 8.20 4.74 15.59
N ASP A 184 8.21 4.83 16.91
CA ASP A 184 7.28 4.07 17.72
C ASP A 184 5.85 4.61 17.56
N LEU A 185 5.72 5.92 17.41
CA LEU A 185 4.40 6.49 17.14
C LEU A 185 3.86 5.96 15.82
N ARG A 186 4.71 5.97 14.80
CA ARG A 186 4.33 5.48 13.47
CA ARG A 186 4.26 5.52 13.49
C ARG A 186 3.92 4.04 13.56
N ALA A 187 4.72 3.27 14.31
CA ALA A 187 4.49 1.84 14.41
C ALA A 187 3.14 1.56 15.06
N LEU A 188 2.78 2.32 16.10
CA LEU A 188 1.45 2.11 16.74
C LEU A 188 0.28 2.59 15.90
N ASN A 189 0.54 3.51 14.99
CA ASN A 189 -0.57 4.19 14.29
C ASN A 189 -1.42 3.19 13.45
N GLY A 190 -0.75 2.29 12.74
CA GLY A 190 -1.46 1.34 11.84
C GLY A 190 -2.54 0.55 12.56
N THR A 191 -2.17 -0.06 13.68
CA THR A 191 -3.09 -0.88 14.47
C THR A 191 -4.18 -0.01 15.10
N ARG A 192 -3.79 1.17 15.62
CA ARG A 192 -4.82 2.08 16.25
C ARG A 192 -5.87 2.47 15.19
N VAL A 193 -5.41 2.83 13.99
CA VAL A 193 -6.35 3.20 12.92
C VAL A 193 -7.24 2.04 12.48
N THR A 194 -6.66 0.85 12.23
CA THR A 194 -7.45 -0.30 11.80
C THR A 194 -8.54 -0.60 12.82
N ASP A 195 -8.16 -0.65 14.09
CA ASP A 195 -9.10 -0.93 15.18
C ASP A 195 -10.25 0.10 15.25
N GLU A 196 -9.90 1.37 15.05
CA GLU A 196 -10.93 2.43 15.04
C GLU A 196 -11.88 2.28 13.85
N ILE A 197 -11.33 2.00 12.67
CA ILE A 197 -12.20 1.85 11.50
C ILE A 197 -13.28 0.78 11.76
N LEU A 198 -12.85 -0.32 12.36
CA LEU A 198 -13.83 -1.35 12.72
C LEU A 198 -14.92 -0.92 13.70
N GLU A 199 -14.58 -0.01 14.60
CA GLU A 199 -15.55 0.46 15.58
CA GLU A 199 -15.46 0.55 15.63
C GLU A 199 -16.43 1.58 15.01
N LEU A 200 -16.08 2.07 13.84
CA LEU A 200 -16.75 3.23 13.25
C LEU A 200 -17.77 2.92 12.15
N VAL A 201 -17.89 1.65 11.81
CA VAL A 201 -18.91 1.22 10.82
C VAL A 201 -20.09 0.49 11.47
N PRO A 202 -21.30 0.76 10.97
CA PRO A 202 -22.52 0.20 11.60
C PRO A 202 -22.63 -1.32 11.50
N LYS A 203 -22.19 -1.91 10.39
CA LYS A 203 -22.25 -3.35 10.19
C LYS A 203 -20.96 -3.84 9.52
N PRO A 204 -20.04 -4.36 10.34
CA PRO A 204 -18.72 -4.83 9.85
C PRO A 204 -18.81 -5.77 8.66
N ASN A 205 -19.74 -6.74 8.61
CA ASN A 205 -19.63 -7.59 7.42
CA ASN A 205 -19.83 -7.65 7.45
C ASN A 205 -20.07 -6.92 6.15
N VAL A 206 -20.99 -5.95 6.23
CA VAL A 206 -21.32 -5.16 5.05
C VAL A 206 -20.11 -4.36 4.59
N PHE A 207 -19.46 -3.74 5.54
CA PHE A 207 -18.20 -3.02 5.26
C PHE A 207 -17.14 -3.92 4.59
N ARG A 208 -16.94 -5.12 5.14
CA ARG A 208 -15.90 -6.02 4.60
C ARG A 208 -16.17 -6.39 3.15
N ILE A 209 -17.41 -6.73 2.83
CA ILE A 209 -17.70 -7.10 1.43
C ILE A 209 -17.52 -5.90 0.52
N ALA A 210 -18.08 -4.74 0.92
CA ALA A 210 -17.86 -3.51 0.13
C ALA A 210 -16.38 -3.19 -0.08
N LEU A 211 -15.58 -3.26 0.98
CA LEU A 211 -14.13 -3.01 0.86
C LEU A 211 -13.39 -4.06 0.01
N ARG A 212 -13.77 -5.33 0.13
CA ARG A 212 -13.23 -6.35 -0.79
C ARG A 212 -13.45 -5.97 -2.27
N ALA A 213 -14.65 -5.45 -2.55
CA ALA A 213 -14.98 -5.01 -3.90
C ALA A 213 -14.20 -3.77 -4.33
N ILE A 214 -14.11 -2.79 -3.42
CA ILE A 214 -13.33 -1.60 -3.77
C ILE A 214 -11.84 -1.94 -3.95
N LYS A 215 -11.30 -2.83 -3.11
CA LYS A 215 -9.90 -3.27 -3.28
C LYS A 215 -9.67 -3.92 -4.64
N LEU A 216 -10.56 -4.84 -5.01
CA LEU A 216 -10.48 -5.46 -6.33
C LEU A 216 -10.60 -4.42 -7.46
N TRP A 217 -11.63 -3.58 -7.39
CA TRP A 217 -11.89 -2.52 -8.36
C TRP A 217 -10.66 -1.60 -8.49
N ALA A 218 -10.13 -1.15 -7.35
CA ALA A 218 -8.97 -0.24 -7.37
C ALA A 218 -7.71 -0.88 -7.96
N GLN A 219 -7.47 -2.15 -7.65
CA GLN A 219 -6.31 -2.82 -8.22
C GLN A 219 -6.50 -2.99 -9.72
N ARG A 220 -7.69 -3.42 -10.15
CA ARG A 220 -7.94 -3.63 -11.59
C ARG A 220 -7.87 -2.34 -12.39
N ARG A 221 -8.40 -1.28 -11.80
CA ARG A 221 -8.47 0.02 -12.46
C ARG A 221 -7.20 0.88 -12.30
N ALA A 222 -6.19 0.30 -11.65
CA ALA A 222 -4.87 0.96 -11.48
C ALA A 222 -4.97 2.30 -10.72
N VAL A 223 -5.73 2.29 -9.64
CA VAL A 223 -5.84 3.46 -8.75
C VAL A 223 -5.53 3.04 -7.29
N TYR A 224 -4.67 2.05 -7.14
CA TYR A 224 -4.27 1.55 -5.83
C TYR A 224 -2.76 1.51 -5.80
N ALA A 225 -2.16 2.48 -5.11
CA ALA A 225 -0.71 2.53 -4.90
C ALA A 225 -0.37 3.85 -4.30
N ASN A 226 -0.19 3.85 -2.98
CA ASN A 226 0.15 5.04 -2.27
C ASN A 226 1.50 5.61 -2.76
N ILE A 227 2.47 4.74 -3.07
CA ILE A 227 3.81 5.22 -3.49
C ILE A 227 3.77 6.04 -4.79
N PHE A 228 2.78 5.80 -5.63
CA PHE A 228 2.71 6.48 -6.91
C PHE A 228 1.59 7.53 -6.96
N GLY A 229 1.04 7.89 -5.81
CA GLY A 229 0.09 9.01 -5.73
C GLY A 229 -1.40 8.61 -5.79
N PHE A 230 -1.69 7.34 -5.57
CA PHE A 230 -3.10 6.86 -5.53
C PHE A 230 -3.42 6.45 -4.08
N PRO A 231 -4.70 6.29 -3.71
CA PRO A 231 -4.98 5.83 -2.35
C PRO A 231 -4.46 4.41 -2.15
N GLY A 232 -3.95 4.13 -0.94
CA GLY A 232 -3.56 2.78 -0.60
C GLY A 232 -4.66 2.15 0.22
N GLY A 233 -4.32 1.07 0.90
CA GLY A 233 -5.36 0.23 1.53
C GLY A 233 -6.10 0.99 2.61
N VAL A 234 -5.38 1.73 3.47
CA VAL A 234 -6.08 2.38 4.60
CA VAL A 234 -6.05 2.43 4.60
C VAL A 234 -6.99 3.48 4.07
N ALA A 235 -6.53 4.22 3.06
CA ALA A 235 -7.37 5.28 2.51
C ALA A 235 -8.64 4.70 1.89
N TRP A 236 -8.51 3.61 1.13
CA TRP A 236 -9.67 2.97 0.52
C TRP A 236 -10.62 2.46 1.62
N ALA A 237 -10.05 1.94 2.69
CA ALA A 237 -10.87 1.39 3.82
C ALA A 237 -11.70 2.51 4.44
N MET A 238 -11.07 3.66 4.64
CA MET A 238 -11.78 4.81 5.24
C MET A 238 -12.86 5.40 4.34
N LEU A 239 -12.61 5.45 3.03
CA LEU A 239 -13.60 5.94 2.08
C LEU A 239 -14.82 5.01 2.10
N VAL A 240 -14.59 3.70 2.08
CA VAL A 240 -15.72 2.75 2.23
C VAL A 240 -16.43 2.94 3.56
N ALA A 241 -15.66 3.04 4.65
CA ALA A 241 -16.24 3.23 6.00
C ALA A 241 -17.15 4.46 6.03
N ARG A 242 -16.74 5.54 5.35
CA ARG A 242 -17.57 6.76 5.39
C ARG A 242 -18.99 6.52 4.81
N ILE A 243 -19.02 5.83 3.68
CA ILE A 243 -20.29 5.54 3.01
C ILE A 243 -21.11 4.56 3.84
N CYS A 244 -20.46 3.53 4.43
CA CYS A 244 -21.17 2.67 5.40
C CYS A 244 -21.91 3.43 6.49
N GLN A 245 -21.28 4.43 7.08
CA GLN A 245 -21.94 5.24 8.10
C GLN A 245 -23.22 5.96 7.57
N LEU A 246 -23.19 6.37 6.32
CA LEU A 246 -24.31 7.16 5.69
C LEU A 246 -25.54 6.27 5.40
N TYR A 247 -25.28 4.99 5.17
CA TYR A 247 -26.35 4.02 4.94
C TYR A 247 -26.22 2.81 5.86
N PRO A 248 -26.55 2.96 7.13
CA PRO A 248 -26.24 1.93 8.12
C PRO A 248 -26.98 0.58 7.94
N ASN A 249 -28.09 0.57 7.21
CA ASN A 249 -28.87 -0.64 7.03
C ASN A 249 -28.83 -1.21 5.59
N ALA A 250 -27.94 -0.64 4.76
CA ALA A 250 -27.89 -0.98 3.34
C ALA A 250 -27.09 -2.25 3.16
N CYS A 251 -27.29 -2.90 2.01
CA CYS A 251 -26.47 -4.05 1.64
C CYS A 251 -25.19 -3.58 0.98
N SER A 252 -24.15 -4.43 0.86
CA SER A 252 -22.89 -3.92 0.31
C SER A 252 -23.05 -3.40 -1.12
N ALA A 253 -23.90 -4.07 -1.93
CA ALA A 253 -24.06 -3.69 -3.33
C ALA A 253 -24.54 -2.24 -3.40
N VAL A 254 -25.47 -1.90 -2.50
CA VAL A 254 -25.97 -0.52 -2.40
C VAL A 254 -24.88 0.45 -1.92
N ILE A 255 -24.08 0.03 -0.94
CA ILE A 255 -22.95 0.85 -0.50
C ILE A 255 -22.03 1.17 -1.68
N LEU A 256 -21.76 0.19 -2.56
CA LEU A 256 -20.87 0.46 -3.71
C LEU A 256 -21.45 1.50 -4.70
N ASN A 257 -22.74 1.38 -4.98
CA ASN A 257 -23.42 2.34 -5.89
C ASN A 257 -23.33 3.76 -5.28
N ARG A 258 -23.70 3.87 -4.03
CA ARG A 258 -23.67 5.16 -3.28
C ARG A 258 -22.25 5.69 -3.10
N PHE A 259 -21.30 4.79 -2.88
CA PHE A 259 -19.86 5.14 -2.84
C PHE A 259 -19.44 5.92 -4.07
N PHE A 260 -19.71 5.39 -5.26
CA PHE A 260 -19.13 5.99 -6.50
C PHE A 260 -19.75 7.34 -6.78
N ILE A 261 -21.04 7.39 -6.55
CA ILE A 261 -21.77 8.61 -6.68
C ILE A 261 -21.20 9.64 -5.74
N ILE A 262 -21.20 9.32 -4.46
CA ILE A 262 -20.81 10.31 -3.45
C ILE A 262 -19.39 10.81 -3.59
N LEU A 263 -18.47 9.93 -3.82
CA LEU A 263 -17.10 10.34 -3.99
C LEU A 263 -16.83 11.04 -5.34
N SER A 264 -17.49 10.60 -6.41
CA SER A 264 -17.38 11.33 -7.71
C SER A 264 -17.88 12.76 -7.59
N GLU A 265 -18.98 12.95 -6.86
CA GLU A 265 -19.55 14.31 -6.69
C GLU A 265 -18.96 15.16 -5.53
N TRP A 266 -18.14 14.56 -4.67
CA TRP A 266 -17.67 15.18 -3.43
C TRP A 266 -16.94 16.50 -3.70
N ASN A 267 -17.02 17.44 -2.77
CA ASN A 267 -16.37 18.75 -2.92
C ASN A 267 -14.89 18.81 -2.51
N TRP A 268 -14.04 18.09 -3.20
CA TRP A 268 -12.61 18.14 -2.93
C TRP A 268 -12.16 19.61 -3.06
N PRO A 269 -11.26 20.09 -2.20
CA PRO A 269 -10.51 19.31 -1.20
C PRO A 269 -11.15 19.16 0.20
N GLN A 270 -12.46 19.28 0.32
CA GLN A 270 -13.12 19.08 1.60
C GLN A 270 -12.77 17.65 2.09
N PRO A 271 -12.42 17.43 3.36
CA PRO A 271 -11.94 16.11 3.79
C PRO A 271 -13.02 15.07 4.06
N VAL A 272 -12.65 13.80 3.85
CA VAL A 272 -13.45 12.67 4.38
C VAL A 272 -12.97 12.35 5.83
N ILE A 273 -13.88 12.45 6.78
CA ILE A 273 -13.59 12.30 8.19
C ILE A 273 -14.59 11.34 8.80
N LEU A 274 -14.14 10.38 9.60
CA LEU A 274 -14.99 9.35 10.14
C LEU A 274 -15.53 9.63 11.54
N LYS A 275 -14.91 10.59 12.22
CA LYS A 275 -15.32 10.94 13.56
C LYS A 275 -14.66 12.32 13.85
N PRO A 276 -15.17 13.09 14.82
CA PRO A 276 -14.59 14.42 15.04
C PRO A 276 -13.09 14.32 15.38
N ILE A 277 -12.28 15.22 14.83
CA ILE A 277 -10.82 15.18 15.12
C ILE A 277 -10.52 15.42 16.60
N GLU A 278 -9.85 14.44 17.24
CA GLU A 278 -9.53 14.49 18.68
C GLU A 278 -8.27 15.28 19.00
N ASP A 279 -8.22 15.84 20.21
CA ASP A 279 -6.94 16.31 20.72
C ASP A 279 -6.40 15.25 21.65
N GLY A 280 -5.20 15.43 22.18
CA GLY A 280 -4.62 14.36 22.96
C GLY A 280 -3.40 14.89 23.67
N PRO A 281 -2.60 13.99 24.25
CA PRO A 281 -1.55 14.38 25.20
C PRO A 281 -0.16 14.74 24.61
N LEU A 282 -0.03 14.71 23.29
CA LEU A 282 1.24 15.05 22.65
C LEU A 282 1.30 16.49 22.14
N GLN A 283 2.49 16.92 21.75
CA GLN A 283 2.67 18.22 21.11
C GLN A 283 2.67 18.18 19.56
N VAL A 284 2.35 17.03 19.00
CA VAL A 284 2.34 16.88 17.54
C VAL A 284 1.15 17.60 16.89
N ARG A 285 1.34 18.01 15.64
CA ARG A 285 0.29 18.63 14.84
C ARG A 285 -0.74 17.58 14.47
N VAL A 286 -2.02 17.94 14.59
CA VAL A 286 -3.11 17.11 14.10
C VAL A 286 -3.57 17.77 12.78
N TRP A 287 -4.10 16.97 11.85
CA TRP A 287 -4.45 17.52 10.53
C TRP A 287 -5.36 18.75 10.66
N ASN A 288 -4.99 19.86 10.00
CA ASN A 288 -5.68 21.12 10.23
C ASN A 288 -5.32 22.17 9.16
N PRO A 289 -6.08 22.14 8.06
CA PRO A 289 -5.81 23.02 6.92
C PRO A 289 -6.02 24.50 7.23
N LYS A 290 -6.74 24.81 8.30
CA LYS A 290 -6.85 26.19 8.77
C LYS A 290 -5.51 26.81 9.15
N ILE A 291 -4.66 26.05 9.83
CA ILE A 291 -3.44 26.59 10.43
C ILE A 291 -2.14 26.04 9.86
N TYR A 292 -2.21 24.93 9.12
CA TYR A 292 -1.03 24.34 8.52
C TYR A 292 -1.11 24.38 7.00
N ALA A 293 -0.21 25.15 6.37
CA ALA A 293 -0.26 25.32 4.93
C ALA A 293 -0.09 24.02 4.15
N GLN A 294 0.72 23.08 4.67
CA GLN A 294 0.91 21.79 4.02
C GLN A 294 -0.41 21.02 3.93
N ASP A 295 -1.22 21.14 4.97
CA ASP A 295 -2.53 20.49 5.03
C ASP A 295 -3.53 21.08 4.03
N ARG A 296 -3.50 22.40 3.85
CA ARG A 296 -4.30 23.06 2.82
C ARG A 296 -4.01 22.56 1.42
N SER A 297 -2.79 22.10 1.19
CA SER A 297 -2.38 21.66 -0.13
C SER A 297 -2.91 20.27 -0.53
N HIS A 298 -3.39 19.50 0.43
CA HIS A 298 -3.94 18.17 0.12
C HIS A 298 -5.19 18.25 -0.77
N ARG A 299 -5.12 17.56 -1.91
CA ARG A 299 -6.14 17.63 -2.95
C ARG A 299 -7.42 16.85 -2.65
N MET A 300 -7.26 15.67 -2.06
CA MET A 300 -8.41 14.78 -1.82
C MET A 300 -8.20 14.12 -0.45
N PRO A 301 -8.39 14.89 0.62
CA PRO A 301 -7.98 14.45 1.97
C PRO A 301 -8.87 13.39 2.57
N VAL A 302 -8.22 12.33 3.01
CA VAL A 302 -8.91 11.23 3.69
C VAL A 302 -8.19 11.07 5.03
N ILE A 303 -8.89 11.45 6.11
CA ILE A 303 -8.25 11.69 7.41
C ILE A 303 -8.37 10.51 8.42
N THR A 304 -7.25 10.12 8.99
CA THR A 304 -7.31 8.93 9.89
C THR A 304 -8.05 9.32 11.18
N PRO A 305 -8.83 8.40 11.73
CA PRO A 305 -9.63 8.70 12.92
C PRO A 305 -8.83 8.68 14.25
N ALA A 306 -7.77 7.87 14.34
CA ALA A 306 -7.09 7.70 15.63
C ALA A 306 -6.19 8.90 15.91
N TYR A 307 -6.22 9.38 17.15
CA TYR A 307 -5.30 10.45 17.51
C TYR A 307 -3.87 10.00 17.28
N PRO A 308 -2.99 10.81 16.67
CA PRO A 308 -3.29 12.11 16.08
C PRO A 308 -3.68 11.97 14.59
N SER A 309 -4.83 12.54 14.25
CA SER A 309 -5.36 12.48 12.87
C SER A 309 -4.40 13.04 11.83
N MET A 310 -4.24 12.31 10.73
CA MET A 310 -3.42 12.78 9.64
C MET A 310 -4.09 12.47 8.33
N CYS A 311 -3.58 13.09 7.27
CA CYS A 311 -4.10 12.84 5.92
C CYS A 311 -3.40 11.64 5.26
N ALA A 312 -4.16 10.60 4.97
CA ALA A 312 -3.61 9.37 4.42
C ALA A 312 -3.38 9.42 2.90
N THR A 313 -3.85 10.50 2.27
CA THR A 313 -3.73 10.62 0.81
C THR A 313 -2.93 11.85 0.42
N HIS A 314 -2.02 12.25 1.29
CA HIS A 314 -1.15 13.39 0.95
C HIS A 314 -0.37 13.30 -0.38
N ASN A 315 -0.09 12.09 -0.86
CA ASN A 315 0.66 11.85 -2.10
C ASN A 315 -0.15 12.11 -3.40
N ILE A 316 -1.46 12.34 -3.30
CA ILE A 316 -2.31 12.51 -4.50
C ILE A 316 -1.85 13.80 -5.25
N THR A 317 -1.68 13.68 -6.57
CA THR A 317 -1.21 14.82 -7.37
C THR A 317 -2.34 15.34 -8.25
N GLU A 318 -2.04 16.34 -9.05
CA GLU A 318 -3.00 16.87 -10.00
CA GLU A 318 -3.03 16.86 -9.98
C GLU A 318 -3.44 15.79 -10.98
N SER A 319 -2.47 15.05 -11.52
CA SER A 319 -2.77 14.01 -12.48
C SER A 319 -3.49 12.82 -11.82
N THR A 320 -2.99 12.34 -10.70
CA THR A 320 -3.66 11.16 -10.13
C THR A 320 -5.06 11.47 -9.62
N LYS A 321 -5.28 12.69 -9.11
CA LYS A 321 -6.66 13.10 -8.80
C LYS A 321 -7.62 12.93 -9.99
N LYS A 322 -7.23 13.41 -11.17
CA LYS A 322 -8.05 13.27 -12.35
C LYS A 322 -8.34 11.82 -12.63
N VAL A 323 -7.33 10.95 -12.51
CA VAL A 323 -7.52 9.52 -12.79
C VAL A 323 -8.54 8.97 -11.79
N ILE A 324 -8.33 9.26 -10.50
CA ILE A 324 -9.26 8.68 -9.48
C ILE A 324 -10.70 9.10 -9.80
N LEU A 325 -10.91 10.39 -10.02
CA LEU A 325 -12.25 10.95 -10.32
C LEU A 325 -12.87 10.33 -11.58
N GLN A 326 -12.06 10.15 -12.62
CA GLN A 326 -12.49 9.45 -13.83
C GLN A 326 -13.02 8.03 -13.51
N GLU A 327 -12.27 7.33 -12.67
CA GLU A 327 -12.62 5.97 -12.26
C GLU A 327 -13.87 5.93 -11.39
N PHE A 328 -14.09 6.98 -10.60
CA PHE A 328 -15.35 7.14 -9.85
C PHE A 328 -16.52 7.32 -10.80
N VAL A 329 -16.32 8.11 -11.85
CA VAL A 329 -17.39 8.32 -12.82
C VAL A 329 -17.75 7.05 -13.55
N ARG A 330 -16.75 6.26 -13.96
CA ARG A 330 -16.97 4.95 -14.58
C ARG A 330 -17.74 4.09 -13.60
N GLY A 331 -17.33 4.13 -12.34
CA GLY A 331 -18.08 3.33 -11.31
C GLY A 331 -19.57 3.68 -11.16
N VAL A 332 -19.91 4.96 -11.20
CA VAL A 332 -21.31 5.43 -11.17
C VAL A 332 -22.09 4.88 -12.36
N GLN A 333 -21.56 5.12 -13.55
CA GLN A 333 -22.15 4.60 -14.77
C GLN A 333 -22.42 3.09 -14.68
N ILE A 334 -21.38 2.31 -14.36
CA ILE A 334 -21.47 0.84 -14.34
CA ILE A 334 -21.50 0.85 -14.36
C ILE A 334 -22.38 0.31 -13.24
N THR A 335 -22.21 0.83 -12.01
CA THR A 335 -23.13 0.33 -10.93
C THR A 335 -24.57 0.72 -11.17
N ASN A 336 -24.79 1.90 -11.73
CA ASN A 336 -26.15 2.25 -12.16
C ASN A 336 -26.72 1.24 -13.13
N ASP A 337 -25.91 0.90 -14.12
CA ASP A 337 -26.29 -0.08 -15.10
C ASP A 337 -26.51 -1.47 -14.49
N ILE A 338 -25.69 -1.84 -13.51
CA ILE A 338 -25.91 -3.12 -12.83
C ILE A 338 -27.26 -3.08 -12.09
N PHE A 339 -27.57 -1.98 -11.40
CA PHE A 339 -28.86 -1.81 -10.71
C PHE A 339 -30.06 -1.82 -11.65
N SER A 340 -29.85 -1.37 -12.88
CA SER A 340 -30.93 -1.38 -13.88
C SER A 340 -30.88 -2.64 -14.78
N ASN A 341 -30.05 -3.60 -14.37
CA ASN A 341 -29.91 -4.94 -15.00
C ASN A 341 -29.38 -4.93 -16.44
N LYS A 342 -28.58 -3.92 -16.77
CA LYS A 342 -27.92 -3.79 -18.07
C LYS A 342 -26.46 -4.26 -18.10
N LYS A 343 -25.77 -4.25 -16.95
CA LYS A 343 -24.36 -4.65 -16.85
C LYS A 343 -24.20 -5.57 -15.63
N SER A 344 -23.04 -6.22 -15.51
CA SER A 344 -22.74 -7.17 -14.44
C SER A 344 -21.66 -6.63 -13.51
N TRP A 345 -21.52 -7.25 -12.34
CA TRP A 345 -20.38 -6.91 -11.49
C TRP A 345 -19.02 -7.14 -12.19
N ALA A 346 -18.92 -8.22 -12.96
CA ALA A 346 -17.69 -8.48 -13.70
C ALA A 346 -17.24 -7.27 -14.55
N ASN A 347 -18.22 -6.56 -15.13
CA ASN A 347 -17.98 -5.34 -15.92
C ASN A 347 -17.29 -4.29 -15.07
N LEU A 348 -17.72 -4.14 -13.81
CA LEU A 348 -17.09 -3.15 -12.95
C LEU A 348 -15.59 -3.42 -12.70
N PHE A 349 -15.22 -4.70 -12.62
CA PHE A 349 -13.87 -5.10 -12.21
C PHE A 349 -12.97 -5.33 -13.43
N GLU A 350 -13.45 -5.01 -14.62
CA GLU A 350 -12.59 -5.16 -15.84
C GLU A 350 -11.29 -4.34 -15.75
N LYS A 351 -10.19 -4.96 -16.17
CA LYS A 351 -8.86 -4.42 -16.06
C LYS A 351 -8.74 -3.10 -16.84
N ASN A 352 -7.94 -2.18 -16.32
CA ASN A 352 -7.61 -0.91 -16.94
C ASN A 352 -7.07 -1.13 -18.36
N ASP A 353 -7.00 -0.06 -19.15
CA ASP A 353 -6.34 -0.13 -20.47
C ASP A 353 -5.21 0.92 -20.60
N PHE A 354 -4.52 1.13 -19.47
CA PHE A 354 -3.50 2.16 -19.32
C PHE A 354 -2.59 2.23 -20.55
N PHE A 355 -2.14 1.07 -20.99
CA PHE A 355 -1.16 0.98 -22.08
C PHE A 355 -1.75 1.12 -23.49
N PHE A 356 -3.05 1.38 -23.55
CA PHE A 356 -3.74 1.61 -24.82
C PHE A 356 -4.21 3.05 -24.95
N ARG A 357 -4.27 3.75 -23.82
CA ARG A 357 -5.00 5.01 -23.74
C ARG A 357 -4.17 6.27 -23.99
N TYR A 358 -2.84 6.15 -23.99
CA TYR A 358 -1.96 7.27 -24.33
C TYR A 358 -1.16 6.99 -25.59
N LYS A 359 -0.78 8.05 -26.28
CA LYS A 359 0.04 7.99 -27.46
C LYS A 359 1.53 7.93 -27.07
N PHE A 360 1.85 8.45 -25.89
CA PHE A 360 3.24 8.51 -25.43
C PHE A 360 3.41 8.03 -23.98
N TYR A 361 4.53 7.36 -23.70
CA TYR A 361 4.89 6.88 -22.35
C TYR A 361 6.33 7.18 -22.00
N LEU A 362 6.56 7.53 -20.74
CA LEU A 362 7.90 7.67 -20.22
C LEU A 362 8.20 6.43 -19.42
N GLU A 363 9.24 5.69 -19.84
CA GLU A 363 9.74 4.53 -19.11
C GLU A 363 10.89 4.91 -18.21
N ILE A 364 10.83 4.40 -16.97
CA ILE A 364 11.84 4.66 -15.93
C ILE A 364 12.39 3.36 -15.40
N THR A 365 13.64 3.03 -15.75
CA THR A 365 14.15 1.70 -15.42
C THR A 365 15.33 1.73 -14.46
N ALA A 366 15.17 1.08 -13.31
CA ALA A 366 16.24 0.97 -12.35
C ALA A 366 16.98 -0.36 -12.55
N TYR A 367 18.27 -0.28 -12.87
CA TYR A 367 19.11 -1.46 -13.05
C TYR A 367 20.05 -1.69 -11.87
N THR A 368 20.22 -2.95 -11.49
CA THR A 368 21.24 -3.29 -10.51
C THR A 368 21.95 -4.56 -10.93
N ARG A 369 23.26 -4.55 -10.76
CA ARG A 369 24.08 -5.75 -10.92
C ARG A 369 24.71 -6.08 -9.57
N GLY A 370 24.12 -7.05 -8.88
CA GLY A 370 24.58 -7.48 -7.57
C GLY A 370 23.56 -8.37 -6.86
N SER A 371 23.39 -8.12 -5.56
CA SER A 371 22.45 -8.88 -4.74
C SER A 371 21.03 -8.31 -4.84
N ASP A 372 20.06 -9.19 -4.57
CA ASP A 372 18.65 -8.83 -4.55
CA ASP A 372 18.65 -8.82 -4.55
C ASP A 372 18.41 -7.66 -3.60
N GLU A 373 19.22 -7.62 -2.54
CA GLU A 373 19.14 -6.63 -1.47
C GLU A 373 19.42 -5.21 -1.95
N GLN A 374 20.59 -4.98 -2.55
CA GLN A 374 20.87 -3.63 -3.04
C GLN A 374 19.95 -3.20 -4.19
N HIS A 375 19.39 -4.14 -4.96
CA HIS A 375 18.38 -3.78 -5.96
C HIS A 375 17.07 -3.39 -5.32
N LEU A 376 16.59 -4.18 -4.37
CA LEU A 376 15.40 -3.82 -3.61
C LEU A 376 15.55 -2.41 -3.03
N LYS A 377 16.75 -2.10 -2.53
CA LYS A 377 17.06 -0.79 -1.96
C LYS A 377 17.12 0.33 -3.01
N TRP A 378 17.81 0.04 -4.12
CA TRP A 378 17.97 0.98 -5.25
C TRP A 378 16.65 1.27 -5.91
N SER A 379 15.95 0.22 -6.36
CA SER A 379 14.64 0.37 -7.00
CA SER A 379 14.65 0.39 -7.00
C SER A 379 13.65 1.02 -6.05
N GLY A 380 13.65 0.56 -4.80
CA GLY A 380 12.80 1.17 -3.78
C GLY A 380 13.02 2.67 -3.79
N LEU A 381 14.29 3.06 -3.83
CA LEU A 381 14.64 4.47 -3.85
C LEU A 381 14.11 5.15 -5.09
N VAL A 382 14.43 4.60 -6.27
CA VAL A 382 13.95 5.16 -7.55
C VAL A 382 12.42 5.18 -7.57
N GLU A 383 11.80 4.08 -7.11
CA GLU A 383 10.34 4.00 -7.10
C GLU A 383 9.78 5.10 -6.23
N SER A 384 10.44 5.32 -5.08
CA SER A 384 10.03 6.35 -4.10
C SER A 384 10.07 7.78 -4.62
N LYS A 385 10.81 8.01 -5.71
CA LYS A 385 10.92 9.35 -6.23
C LYS A 385 10.02 9.61 -7.45
N VAL A 386 9.38 8.57 -7.98
CA VAL A 386 8.63 8.69 -9.25
C VAL A 386 7.51 9.75 -9.16
N ARG A 387 6.79 9.76 -8.05
CA ARG A 387 5.73 10.74 -7.80
CA ARG A 387 5.71 10.74 -7.85
C ARG A 387 6.22 12.19 -7.85
N LEU A 388 7.46 12.40 -7.37
CA LEU A 388 8.11 13.70 -7.55
C LEU A 388 8.29 14.05 -9.03
N LEU A 389 8.66 13.07 -9.88
CA LEU A 389 8.81 13.35 -11.32
C LEU A 389 7.45 13.69 -11.90
N VAL A 390 6.42 12.97 -11.45
CA VAL A 390 5.05 13.21 -11.92
C VAL A 390 4.62 14.63 -11.61
N MET A 391 4.94 15.11 -10.41
CA MET A 391 4.58 16.46 -10.00
C MET A 391 5.33 17.53 -10.81
N LYS A 392 6.58 17.23 -11.14
CA LYS A 392 7.38 18.13 -12.03
C LYS A 392 6.86 18.15 -13.46
N LEU A 393 6.62 16.96 -14.04
CA LEU A 393 6.05 16.83 -15.39
CA LEU A 393 6.07 16.86 -15.39
C LEU A 393 4.66 17.45 -15.49
N GLU A 394 3.78 17.14 -14.55
CA GLU A 394 2.37 17.55 -14.66
C GLU A 394 2.09 19.06 -14.66
N VAL A 395 3.06 19.83 -14.16
CA VAL A 395 2.97 21.30 -14.08
CA VAL A 395 2.94 21.29 -14.09
C VAL A 395 3.65 21.98 -15.29
N LEU A 396 4.30 21.20 -16.15
CA LEU A 396 4.87 21.74 -17.42
C LEU A 396 3.78 22.20 -18.38
N ALA A 397 4.08 23.31 -19.06
CA ALA A 397 3.17 23.95 -20.01
C ALA A 397 2.56 23.02 -21.08
N GLY A 398 3.38 22.19 -21.71
CA GLY A 398 2.86 21.30 -22.75
C GLY A 398 2.12 20.06 -22.27
N ILE A 399 2.18 19.78 -20.97
CA ILE A 399 1.70 18.51 -20.43
C ILE A 399 0.24 18.54 -19.94
N LYS A 400 -0.61 17.77 -20.60
CA LYS A 400 -2.01 17.64 -20.22
C LYS A 400 -2.21 16.68 -19.00
N ILE A 401 -1.49 15.56 -18.98
CA ILE A 401 -1.48 14.68 -17.80
C ILE A 401 -0.16 13.92 -17.77
N ALA A 402 0.30 13.57 -16.57
CA ALA A 402 1.43 12.65 -16.41
C ALA A 402 0.91 11.56 -15.44
N HIS A 403 0.53 10.39 -16.00
CA HIS A 403 -0.25 9.38 -15.27
C HIS A 403 0.67 8.22 -14.95
N PRO A 404 1.05 8.08 -13.68
CA PRO A 404 1.93 6.97 -13.34
C PRO A 404 1.13 5.67 -13.27
N PHE A 405 1.70 4.60 -13.84
CA PHE A 405 1.14 3.28 -13.57
C PHE A 405 1.40 2.86 -12.10
N THR A 406 0.70 1.85 -11.63
CA THR A 406 0.70 1.56 -10.19
C THR A 406 1.66 0.45 -9.81
N LYS A 407 2.14 -0.30 -10.79
CA LYS A 407 2.98 -1.45 -10.51
C LYS A 407 4.19 -1.46 -11.43
N PRO A 408 5.38 -1.57 -10.85
CA PRO A 408 6.60 -1.60 -11.66
C PRO A 408 6.63 -2.97 -12.34
N PHE A 409 7.21 -3.03 -13.53
CA PHE A 409 7.45 -4.29 -14.18
C PHE A 409 8.84 -4.79 -13.81
N GLU A 410 8.90 -5.99 -13.24
CA GLU A 410 10.14 -6.54 -12.73
C GLU A 410 10.73 -7.61 -13.66
N SER A 411 12.07 -7.66 -13.72
CA SER A 411 12.81 -8.60 -14.58
CA SER A 411 12.81 -8.60 -14.58
C SER A 411 14.19 -8.92 -13.99
N SER A 412 14.72 -10.09 -14.33
CA SER A 412 16.05 -10.52 -13.89
C SER A 412 16.68 -11.38 -15.01
N TYR A 413 18.02 -11.39 -15.06
CA TYR A 413 18.75 -11.99 -16.19
C TYR A 413 20.08 -12.64 -15.85
N CYS A 414 20.47 -13.59 -16.70
CA CYS A 414 21.82 -14.17 -16.69
C CYS A 414 22.79 -13.13 -17.24
N CYS A 415 23.63 -12.60 -16.37
CA CYS A 415 24.56 -11.53 -16.71
C CYS A 415 26.00 -11.87 -16.28
N PRO A 416 26.72 -12.66 -17.09
CA PRO A 416 28.08 -13.09 -16.76
C PRO A 416 29.08 -11.92 -16.67
N THR A 417 29.25 -11.20 -17.78
CA THR A 417 29.97 -9.93 -17.82
C THR A 417 28.88 -8.86 -17.62
N GLU A 418 29.15 -7.62 -17.19
CA GLU A 418 30.37 -6.79 -17.39
C GLU A 418 30.28 -6.14 -18.78
N ASP A 419 30.03 -6.97 -19.80
CA ASP A 419 29.61 -6.54 -21.13
C ASP A 419 28.09 -6.55 -21.16
N ASP A 420 27.54 -7.69 -20.80
CA ASP A 420 26.11 -8.00 -20.97
C ASP A 420 25.19 -7.01 -20.28
N TYR A 421 25.60 -6.51 -19.09
CA TYR A 421 24.84 -5.51 -18.30
C TYR A 421 24.64 -4.27 -19.17
N GLU A 422 25.71 -3.87 -19.89
CA GLU A 422 25.76 -2.77 -20.89
C GLU A 422 24.76 -3.02 -22.01
N MET A 423 24.76 -4.34 -22.50
CA MET A 423 23.85 -4.74 -23.57
C MET A 423 22.39 -4.77 -23.11
N ILE A 424 22.17 -4.94 -21.81
CA ILE A 424 20.79 -5.00 -21.27
C ILE A 424 20.18 -3.60 -21.25
N GLN A 425 20.98 -2.65 -20.74
CA GLN A 425 20.63 -1.24 -20.70
C GLN A 425 20.31 -0.67 -22.09
N ASP A 426 20.79 -1.33 -23.15
CA ASP A 426 20.63 -0.83 -24.51
C ASP A 426 19.34 -1.25 -25.22
N LYS A 427 19.07 -2.55 -25.29
CA LYS A 427 17.98 -3.08 -26.14
C LYS A 427 16.59 -3.14 -25.47
N TYR A 428 16.52 -2.71 -24.21
CA TYR A 428 15.27 -2.80 -23.45
C TYR A 428 14.43 -1.51 -23.49
N GLY A 429 13.10 -1.69 -23.50
CA GLY A 429 12.17 -0.57 -23.42
C GLY A 429 11.42 -0.26 -24.70
N SER A 430 11.92 -0.80 -25.81
CA SER A 430 11.29 -0.56 -27.10
C SER A 430 11.00 -1.90 -27.73
N HIS A 431 9.81 -2.05 -28.31
CA HIS A 431 9.44 -3.29 -28.99
C HIS A 431 10.29 -3.53 -30.25
N LYS A 432 10.75 -2.44 -30.87
CA LYS A 432 11.61 -2.51 -32.06
C LYS A 432 12.97 -3.12 -31.80
N THR A 433 13.51 -2.95 -30.59
CA THR A 433 14.83 -3.49 -30.24
C THR A 433 14.84 -4.56 -29.16
N GLU A 434 13.67 -4.84 -28.57
CA GLU A 434 13.57 -5.76 -27.43
C GLU A 434 13.77 -7.22 -27.79
N THR A 435 13.31 -7.61 -28.98
CA THR A 435 13.38 -8.99 -29.43
C THR A 435 14.84 -9.46 -29.38
N ALA A 436 15.76 -8.50 -29.47
CA ALA A 436 17.19 -8.76 -29.43
C ALA A 436 17.70 -9.03 -28.00
N LEU A 437 16.85 -9.67 -27.19
CA LEU A 437 17.25 -10.11 -25.85
C LEU A 437 17.37 -11.64 -25.81
N ASN A 438 17.44 -12.21 -24.60
CA ASN A 438 17.75 -13.64 -24.38
C ASN A 438 19.26 -13.91 -24.33
N ALA A 439 19.72 -14.79 -23.43
CA ALA A 439 18.87 -15.61 -22.56
C ALA A 439 18.76 -15.08 -21.12
N LEU A 440 17.60 -15.22 -20.48
CA LEU A 440 16.38 -15.74 -21.12
C LEU A 440 15.11 -14.98 -20.69
N LYS A 441 14.74 -14.98 -19.40
CA LYS A 441 15.39 -15.75 -18.34
C LYS A 441 14.55 -16.98 -17.95
N PRO A 457 26.01 -12.97 -10.88
CA PRO A 457 25.45 -13.70 -12.01
C PRO A 457 24.14 -13.11 -12.56
N LYS A 458 23.46 -12.28 -11.76
CA LYS A 458 22.16 -11.74 -12.18
C LYS A 458 22.10 -10.22 -12.23
N ALA A 459 21.36 -9.71 -13.21
CA ALA A 459 21.05 -8.29 -13.34
C ALA A 459 19.54 -8.04 -13.20
N TYR A 460 19.17 -7.17 -12.27
CA TYR A 460 17.78 -6.87 -11.95
C TYR A 460 17.27 -5.62 -12.67
N LEU A 461 15.96 -5.57 -12.91
CA LEU A 461 15.28 -4.43 -13.53
C LEU A 461 13.95 -4.15 -12.81
N SER A 462 13.70 -2.87 -12.55
CA SER A 462 12.39 -2.39 -12.13
C SER A 462 12.06 -1.20 -13.01
N THR A 463 10.89 -1.27 -13.66
CA THR A 463 10.46 -0.23 -14.59
CA THR A 463 10.46 -0.25 -14.60
C THR A 463 9.09 0.31 -14.24
N MET A 464 9.04 1.63 -14.05
CA MET A 464 7.80 2.37 -13.83
CA MET A 464 7.79 2.33 -13.86
C MET A 464 7.44 3.07 -15.13
N TYR A 465 6.14 3.19 -15.41
CA TYR A 465 5.69 3.90 -16.62
C TYR A 465 4.87 5.11 -16.24
N ILE A 466 5.07 6.21 -16.97
CA ILE A 466 4.21 7.37 -16.86
C ILE A 466 3.58 7.62 -18.23
N GLY A 467 2.25 7.58 -18.27
CA GLY A 467 1.53 7.86 -19.51
C GLY A 467 1.49 9.37 -19.68
N LEU A 468 1.74 9.84 -20.90
CA LEU A 468 1.77 11.28 -21.17
C LEU A 468 0.72 11.71 -22.22
N ASP A 469 0.00 12.77 -21.89
CA ASP A 469 -1.00 13.41 -22.73
C ASP A 469 -0.52 14.85 -22.91
N PHE A 470 -0.25 15.23 -24.15
CA PHE A 470 0.15 16.60 -24.46
C PHE A 470 -1.06 17.35 -25.00
N ASN A 471 -1.16 18.64 -24.67
CA ASN A 471 -2.28 19.46 -25.09
C ASN A 471 -1.91 20.53 -26.13
N LYS A 476 4.02 24.37 -33.73
CA LYS A 476 5.20 23.88 -33.03
C LYS A 476 4.79 22.90 -31.93
N GLU A 477 5.33 21.68 -32.00
CA GLU A 477 4.91 20.61 -31.08
C GLU A 477 5.82 20.44 -29.86
N LYS A 478 6.52 19.30 -29.80
CA LYS A 478 7.17 18.76 -28.58
C LYS A 478 6.18 18.32 -27.45
N VAL A 479 6.36 18.65 -26.17
CA VAL A 479 7.29 19.64 -25.60
C VAL A 479 8.43 18.97 -24.82
N ASP A 480 9.45 19.77 -24.50
CA ASP A 480 10.71 19.34 -23.89
C ASP A 480 10.55 18.94 -22.43
N ILE A 481 10.69 17.65 -22.16
CA ILE A 481 10.64 17.15 -20.78
C ILE A 481 12.02 16.76 -20.22
N HIS A 482 13.11 17.04 -20.96
CA HIS A 482 14.39 16.46 -20.54
C HIS A 482 14.93 16.97 -19.19
N ILE A 483 14.62 18.21 -18.82
CA ILE A 483 15.21 18.76 -17.59
C ILE A 483 14.73 18.06 -16.32
N PRO A 484 13.41 18.00 -16.08
CA PRO A 484 12.89 17.22 -14.95
C PRO A 484 13.41 15.78 -14.98
N CYS A 485 13.54 15.19 -16.18
CA CYS A 485 14.05 13.83 -16.31
C CYS A 485 15.51 13.72 -15.81
N THR A 486 16.37 14.63 -16.27
CA THR A 486 17.78 14.68 -15.83
C THR A 486 17.89 14.94 -14.31
N GLU A 487 17.16 15.92 -13.81
CA GLU A 487 17.06 16.18 -12.37
C GLU A 487 16.69 14.94 -11.55
N PHE A 488 15.68 14.21 -12.03
CA PHE A 488 15.26 12.95 -11.44
C PHE A 488 16.42 11.94 -11.36
N VAL A 489 17.14 11.75 -12.47
CA VAL A 489 18.30 10.87 -12.49
C VAL A 489 19.37 11.34 -11.51
N ASN A 490 19.71 12.63 -11.53
CA ASN A 490 20.73 13.18 -10.61
C ASN A 490 20.32 12.95 -9.14
N LEU A 491 19.07 13.25 -8.84
CA LEU A 491 18.50 13.03 -7.51
C LEU A 491 18.70 11.59 -7.03
N CYS A 492 18.38 10.61 -7.87
CA CYS A 492 18.43 9.22 -7.45
C CYS A 492 19.87 8.77 -7.21
N ARG A 493 20.78 9.27 -8.05
CA ARG A 493 22.21 9.01 -7.93
CA ARG A 493 22.19 8.95 -7.90
C ARG A 493 22.81 9.62 -6.67
N SER A 494 22.24 10.74 -6.23
CA SER A 494 22.76 11.52 -5.09
C SER A 494 22.69 10.79 -3.73
N PHE A 495 21.72 9.88 -3.58
CA PHE A 495 21.39 9.34 -2.25
C PHE A 495 22.47 8.56 -1.51
N ASN A 496 23.47 8.08 -2.24
CA ASN A 496 24.78 7.71 -1.67
C ASN A 496 25.79 7.57 -2.79
N GLU A 497 27.08 7.55 -2.43
CA GLU A 497 28.16 7.45 -3.42
C GLU A 497 28.09 6.21 -4.31
N ASP A 498 27.43 5.16 -3.82
CA ASP A 498 27.34 3.90 -4.55
C ASP A 498 26.43 3.96 -5.77
N TYR A 499 25.48 4.91 -5.77
CA TYR A 499 24.35 4.88 -6.71
C TYR A 499 24.49 5.11 -8.23
N GLY A 500 25.36 5.99 -8.74
CA GLY A 500 26.46 6.59 -8.01
C GLY A 500 27.71 5.99 -8.64
N ASP A 501 27.68 4.67 -8.77
CA ASP A 501 28.74 3.87 -9.37
C ASP A 501 28.59 3.86 -10.89
N HIS A 502 27.91 2.83 -11.41
CA HIS A 502 27.69 2.58 -12.86
C HIS A 502 28.13 1.16 -13.23
N LYS A 503 29.08 0.61 -12.47
CA LYS A 503 29.43 -0.79 -12.62
C LYS A 503 28.33 -1.67 -12.01
N VAL A 504 27.62 -1.13 -11.01
CA VAL A 504 26.54 -1.85 -10.33
C VAL A 504 25.16 -1.19 -10.47
N PHE A 505 25.01 0.06 -10.04
CA PHE A 505 23.71 0.77 -10.11
C PHE A 505 23.61 1.71 -11.31
N ASN A 506 22.48 1.65 -12.00
CA ASN A 506 22.21 2.49 -13.18
C ASN A 506 20.74 2.86 -13.36
N LEU A 507 20.47 3.99 -14.02
CA LEU A 507 19.09 4.51 -14.16
C LEU A 507 18.79 5.13 -15.52
N ALA A 508 17.74 4.65 -16.17
CA ALA A 508 17.42 5.06 -17.54
C ALA A 508 15.99 5.57 -17.68
N LEU A 509 15.83 6.67 -18.41
CA LEU A 509 14.53 7.21 -18.78
C LEU A 509 14.39 7.22 -20.27
N ARG A 510 13.27 6.69 -20.75
CA ARG A 510 13.06 6.46 -22.15
C ARG A 510 11.68 6.94 -22.57
N PHE A 511 11.60 7.73 -23.63
CA PHE A 511 10.32 8.23 -24.12
C PHE A 511 9.83 7.37 -25.29
N VAL A 512 8.68 6.72 -25.12
CA VAL A 512 8.15 5.77 -26.11
C VAL A 512 6.74 6.06 -26.60
N LYS A 513 6.52 5.83 -27.89
CA LYS A 513 5.17 5.84 -28.44
C LYS A 513 4.44 4.56 -28.00
N GLY A 514 3.10 4.61 -27.92
CA GLY A 514 2.28 3.46 -27.52
C GLY A 514 2.41 2.23 -28.42
N TYR A 515 2.53 2.46 -29.74
CA TYR A 515 2.74 1.36 -30.70
C TYR A 515 4.02 0.58 -30.41
N ASP A 516 4.96 1.24 -29.75
CA ASP A 516 6.30 0.70 -29.54
C ASP A 516 6.58 0.22 -28.10
N LEU A 517 5.53 0.12 -27.27
CA LEU A 517 5.70 -0.40 -25.90
C LEU A 517 6.19 -1.86 -25.91
N PRO A 518 7.05 -2.25 -24.98
CA PRO A 518 7.46 -3.66 -24.87
C PRO A 518 6.30 -4.60 -24.54
N ASP A 519 6.30 -5.85 -25.03
CA ASP A 519 5.16 -6.73 -24.71
C ASP A 519 5.01 -7.23 -23.27
N GLU A 520 6.02 -7.02 -22.42
CA GLU A 520 5.85 -7.21 -20.97
C GLU A 520 4.60 -6.46 -20.44
N VAL A 521 4.22 -5.40 -21.16
CA VAL A 521 3.17 -4.47 -20.77
C VAL A 521 1.74 -4.89 -21.19
N PHE A 522 1.63 -5.93 -22.02
CA PHE A 522 0.35 -6.48 -22.42
C PHE A 522 0.31 -7.94 -21.95
N ASP A 523 -0.82 -8.37 -21.42
CA ASP A 523 -0.94 -9.79 -21.06
C ASP A 523 -1.38 -10.58 -22.28
N GLU A 524 -1.13 -11.89 -22.26
CA GLU A 524 -1.54 -12.80 -23.34
C GLU A 524 -3.06 -12.91 -23.34
N ASN A 525 -3.70 -11.80 -23.75
CA ASN A 525 -5.13 -11.58 -23.59
C ASN A 525 -5.49 -10.32 -24.37
N GLU A 526 -4.51 -9.42 -24.48
CA GLU A 526 -4.61 -8.21 -25.29
C GLU A 526 -3.55 -8.30 -26.37
N LYS A 527 -3.71 -7.50 -27.43
CA LYS A 527 -2.66 -7.37 -28.44
C LYS A 527 -2.27 -5.90 -28.61
N ARG A 528 -0.99 -5.68 -28.89
CA ARG A 528 -0.41 -4.33 -28.94
C ARG A 528 -1.01 -3.43 -30.03
N PRO A 529 -1.20 -2.14 -29.72
CA PRO A 529 -1.71 -1.19 -30.71
C PRO A 529 -0.63 -0.82 -31.73
N SER A 530 -1.03 -0.14 -32.81
CA SER A 530 -0.06 0.41 -33.76
C SER A 530 -0.61 1.58 -34.56
CAC FLC B . -34.21 -10.50 1.52
CA FLC B . -34.63 -11.38 0.35
CB FLC B . -33.71 -12.56 -0.02
CBC FLC B . -33.88 -13.75 0.90
CG FLC B . -34.03 -13.01 -1.45
CGC FLC B . -33.60 -12.09 -2.58
OA1 FLC B . -33.27 -10.86 2.27
OA2 FLC B . -34.82 -9.42 1.70
OB1 FLC B . -33.99 -13.58 2.15
OB2 FLC B . -33.89 -14.91 0.42
OG1 FLC B . -34.43 -11.77 -3.45
OG2 FLC B . -32.41 -11.71 -2.62
OHB FLC B . -32.34 -12.13 0.04
CAC FLC C . -1.43 1.75 2.97
CA FLC C . -0.48 0.57 3.16
CB FLC C . -0.99 -0.56 2.29
CBC FLC C . -0.79 -0.09 0.88
CG FLC C . -0.29 -1.91 2.46
CGC FLC C . -1.15 -3.03 1.90
OA1 FLC C . -2.52 1.71 3.56
OA2 FLC C . -1.10 2.70 2.23
OB1 FLC C . -1.80 0.11 0.18
OB2 FLC C . 0.38 0.11 0.47
OG1 FLC C . -2.07 -2.77 1.09
OG2 FLC C . -0.93 -4.20 2.29
OHB FLC C . -2.39 -0.77 2.57
MG MG D . 1.31 -5.06 3.48
#